data_6HHP
#
_entry.id   6HHP
#
_cell.length_a   81.867
_cell.length_b   112.213
_cell.length_c   62.408
_cell.angle_alpha   90.000
_cell.angle_beta   90.000
_cell.angle_gamma   90.000
#
_symmetry.space_group_name_H-M   'C 2 2 21'
#
loop_
_entity.id
_entity.type
_entity.pdbx_description
1 polymer '14-3-3 protein sigma'
2 polymer 'Estrogen receptor'
3 non-polymer 'MAGNESIUM ION'
4 non-polymer (1~{R})-2-(4-chloranylphenoxy)-2-methyl-1-[methyl(2-sulfanylethyl)amino]propan-1-ol
5 water water
#
loop_
_entity_poly.entity_id
_entity_poly.type
_entity_poly.pdbx_seq_one_letter_code
_entity_poly.pdbx_strand_id
1 'polypeptide(L)'
;GAMGSMERASLIQKAKLAEQAERYEDMAAFMKGAVEKGEELSNEERCLLSVAYKNVVGGQRAAWRVLSSIEQKSNEEGSE
EKGPEVREYREKVETELQGVCDTVLGLLDSHLIKEAGDAESRVFYLKMKGDYYRYLAEVATGDDKKRIIDSARSAYQEAM
DISKKEMPPTNPIRLGLALNFSVFHYEIANSPEEAISLAKTTFDEAMADLHTLSEDSYKDSTLIMQLLRDNLTLWT
;
A
2 'polypeptide(L)' AEGFPA(TPO)V B
#
loop_
_chem_comp.id
_chem_comp.type
_chem_comp.name
_chem_comp.formula
G4Z non-polymer (1~{R})-2-(4-chloranylphenoxy)-2-methyl-1-[methyl(2-sulfanylethyl)amino]propan-1-ol 'C13 H20 Cl N O2 S'
MG non-polymer 'MAGNESIUM ION' 'Mg 2'
#
# COMPACT_ATOMS: atom_id res chain seq x y z
N GLY A 1 -22.56 -10.29 3.52
CA GLY A 1 -21.19 -10.66 3.82
C GLY A 1 -21.14 -11.81 4.80
N ALA A 2 -20.20 -12.74 4.58
CA ALA A 2 -20.10 -13.93 5.41
C ALA A 2 -19.72 -13.61 6.85
N MET A 3 -19.24 -12.40 7.13
CA MET A 3 -18.90 -12.01 8.49
C MET A 3 -19.99 -11.20 9.16
N GLY A 4 -21.14 -11.02 8.50
CA GLY A 4 -22.19 -10.18 9.04
C GLY A 4 -22.73 -10.65 10.38
N SER A 5 -22.67 -11.96 10.63
CA SER A 5 -23.19 -12.51 11.88
C SER A 5 -22.18 -12.55 13.02
N MET A 6 -20.92 -12.18 12.78
CA MET A 6 -19.93 -12.20 13.86
C MET A 6 -19.78 -10.83 14.50
N GLU A 7 -19.63 -10.82 15.84
CA GLU A 7 -19.41 -9.58 16.58
C GLU A 7 -18.17 -8.85 16.08
N ARG A 8 -18.26 -7.51 16.04
CA ARG A 8 -17.09 -6.71 15.67
C ARG A 8 -15.86 -7.06 16.51
N ALA A 9 -16.03 -7.16 17.83
CA ALA A 9 -14.88 -7.45 18.67
C ALA A 9 -14.30 -8.83 18.39
N SER A 10 -15.17 -9.80 18.07
CA SER A 10 -14.71 -11.14 17.74
C SER A 10 -13.94 -11.15 16.43
N LEU A 11 -14.39 -10.35 15.45
CA LEU A 11 -13.65 -10.22 14.19
C LEU A 11 -12.26 -9.62 14.43
N ILE A 12 -12.17 -8.59 15.28
CA ILE A 12 -10.86 -8.00 15.60
C ILE A 12 -9.99 -9.02 16.33
N GLN A 13 -10.57 -9.71 17.31
CA GLN A 13 -9.82 -10.75 18.01
C GLN A 13 -9.28 -11.80 17.05
N LYS A 14 -10.11 -12.24 16.09
CA LYS A 14 -9.67 -13.29 15.19
C LYS A 14 -8.69 -12.78 14.16
N ALA A 15 -8.79 -11.51 13.76
CA ALA A 15 -7.77 -10.93 12.89
C ALA A 15 -6.41 -11.00 13.55
N LYS A 16 -6.33 -10.72 14.85
CA LYS A 16 -5.07 -10.80 15.56
C LYS A 16 -4.56 -12.23 15.66
N LEU A 17 -5.47 -13.18 15.89
CA LEU A 17 -5.09 -14.59 15.88
C LEU A 17 -4.57 -15.01 14.51
N ALA A 18 -5.27 -14.59 13.44
CA ALA A 18 -4.83 -14.94 12.09
C ALA A 18 -3.45 -14.39 11.79
N GLU A 19 -3.17 -13.16 12.23
CA GLU A 19 -1.82 -12.61 12.05
C GLU A 19 -0.78 -13.47 12.76
N GLN A 20 -1.07 -13.90 14.00
CA GLN A 20 -0.15 -14.77 14.73
C GLN A 20 0.09 -16.07 13.99
N ALA A 21 -0.94 -16.58 13.32
CA ALA A 21 -0.84 -17.81 12.55
C ALA A 21 -0.36 -17.58 11.12
N GLU A 22 -0.04 -16.33 10.75
CA GLU A 22 0.36 -15.97 9.39
C GLU A 22 -0.70 -16.41 8.36
N ARG A 23 -1.96 -16.29 8.73
CA ARG A 23 -3.08 -16.61 7.84
C ARG A 23 -3.67 -15.29 7.34
N TYR A 24 -2.99 -14.67 6.36
CA TYR A 24 -3.31 -13.29 6.03
C TYR A 24 -4.60 -13.15 5.21
N GLU A 25 -4.97 -14.17 4.42
CA GLU A 25 -6.27 -14.15 3.77
C GLU A 25 -7.39 -14.13 4.79
N ASP A 26 -7.32 -15.00 5.81
CA ASP A 26 -8.27 -14.94 6.91
C ASP A 26 -8.24 -13.58 7.60
N MET A 27 -7.04 -13.08 7.88
CA MET A 27 -6.92 -11.80 8.56
C MET A 27 -7.64 -10.70 7.79
N ALA A 28 -7.47 -10.68 6.46
CA ALA A 28 -8.13 -9.67 5.64
C ALA A 28 -9.65 -9.85 5.63
N ALA A 29 -10.11 -11.09 5.52
CA ALA A 29 -11.55 -11.33 5.56
C ALA A 29 -12.15 -10.88 6.90
N PHE A 30 -11.46 -11.15 8.01
CA PHE A 30 -11.97 -10.70 9.31
C PHE A 30 -11.99 -9.17 9.38
N MET A 31 -10.93 -8.53 8.89
CA MET A 31 -10.88 -7.07 8.95
C MET A 31 -11.88 -6.44 7.98
N LYS A 32 -12.11 -7.05 6.81
CA LYS A 32 -13.18 -6.58 5.94
C LYS A 32 -14.53 -6.63 6.68
N GLY A 33 -14.80 -7.75 7.37
CA GLY A 33 -16.03 -7.82 8.15
C GLY A 33 -16.12 -6.76 9.22
N ALA A 34 -15.00 -6.48 9.90
CA ALA A 34 -14.99 -5.43 10.91
C ALA A 34 -15.29 -4.06 10.32
N VAL A 35 -14.65 -3.73 9.19
CA VAL A 35 -14.94 -2.45 8.53
C VAL A 35 -16.43 -2.34 8.18
N GLU A 36 -17.00 -3.43 7.66
CA GLU A 36 -18.38 -3.40 7.21
C GLU A 36 -19.37 -3.27 8.36
N LYS A 37 -18.93 -3.38 9.61
CA LYS A 37 -19.82 -3.05 10.72
C LYS A 37 -20.21 -1.58 10.72
N GLY A 38 -19.46 -0.73 10.03
CA GLY A 38 -19.85 0.65 9.84
C GLY A 38 -19.26 1.63 10.84
N GLU A 39 -18.62 1.16 11.91
CA GLU A 39 -17.98 2.04 12.87
C GLU A 39 -16.58 2.42 12.38
N GLU A 40 -16.11 3.59 12.81
CA GLU A 40 -14.75 3.99 12.48
C GLU A 40 -13.75 3.03 13.12
N LEU A 41 -12.53 3.01 12.58
CA LEU A 41 -11.47 2.15 13.08
C LEU A 41 -10.54 2.94 13.99
N SER A 42 -10.02 2.27 15.02
CA SER A 42 -8.97 2.82 15.86
C SER A 42 -7.62 2.77 15.13
N ASN A 43 -6.60 3.41 15.75
CA ASN A 43 -5.25 3.34 15.20
C ASN A 43 -4.79 1.90 15.02
N GLU A 44 -4.98 1.08 16.05
CA GLU A 44 -4.54 -0.31 15.99
C GLU A 44 -5.31 -1.07 14.93
N GLU A 45 -6.63 -0.82 14.83
CA GLU A 45 -7.44 -1.54 13.84
C GLU A 45 -7.08 -1.14 12.41
N ARG A 46 -6.72 0.13 12.20
CA ARG A 46 -6.22 0.53 10.88
C ARG A 46 -4.96 -0.22 10.53
N CYS A 47 -4.08 -0.43 11.52
CA CYS A 47 -2.88 -1.20 11.27
C CYS A 47 -3.21 -2.64 10.90
N LEU A 48 -4.17 -3.26 11.61
CA LEU A 48 -4.55 -4.63 11.27
C LEU A 48 -5.08 -4.71 9.85
N LEU A 49 -5.93 -3.76 9.46
CA LEU A 49 -6.46 -3.74 8.10
C LEU A 49 -5.33 -3.66 7.09
N SER A 50 -4.40 -2.71 7.30
CA SER A 50 -3.32 -2.48 6.36
C SER A 50 -2.40 -3.71 6.25
N VAL A 51 -2.03 -4.28 7.40
CA VAL A 51 -1.13 -5.44 7.41
C VAL A 51 -1.75 -6.61 6.65
N ALA A 52 -3.04 -6.88 6.90
CA ALA A 52 -3.69 -8.03 6.30
C ALA A 52 -3.65 -7.93 4.78
N TYR A 53 -4.15 -6.81 4.23
CA TYR A 53 -4.21 -6.70 2.78
C TYR A 53 -2.83 -6.49 2.16
N LYS A 54 -1.91 -5.83 2.87
CA LYS A 54 -0.55 -5.68 2.34
C LYS A 54 0.08 -7.04 2.10
N ASN A 55 -0.13 -7.98 3.04
CA ASN A 55 0.43 -9.31 2.90
C ASN A 55 -0.26 -10.11 1.79
N VAL A 56 -1.59 -10.01 1.69
CA VAL A 56 -2.30 -10.73 0.64
C VAL A 56 -1.87 -10.25 -0.73
N VAL A 57 -1.96 -8.92 -0.96
CA VAL A 57 -1.65 -8.39 -2.29
C VAL A 57 -0.16 -8.49 -2.55
N GLY A 58 0.68 -8.45 -1.50
CA GLY A 58 2.10 -8.62 -1.70
C GLY A 58 2.45 -9.98 -2.27
N GLY A 59 1.81 -11.03 -1.76
CA GLY A 59 1.99 -12.36 -2.33
C GLY A 59 1.49 -12.44 -3.77
N GLN A 60 0.36 -11.80 -4.07
CA GLN A 60 -0.14 -11.81 -5.44
C GLN A 60 0.80 -11.08 -6.39
N ARG A 61 1.32 -9.92 -5.96
CA ARG A 61 2.26 -9.18 -6.80
C ARG A 61 3.52 -10.00 -7.05
N ALA A 62 4.04 -10.65 -6.02
CA ALA A 62 5.23 -11.47 -6.19
C ALA A 62 4.97 -12.56 -7.22
N ALA A 63 3.81 -13.23 -7.13
CA ALA A 63 3.47 -14.28 -8.08
C ALA A 63 3.29 -13.72 -9.49
N TRP A 64 2.59 -12.58 -9.60
CA TRP A 64 2.40 -11.95 -10.90
C TRP A 64 3.73 -11.62 -11.56
N ARG A 65 4.72 -11.18 -10.76
CA ARG A 65 6.01 -10.81 -11.36
C ARG A 65 6.76 -12.04 -11.86
N VAL A 66 6.70 -13.14 -11.11
CA VAL A 66 7.26 -14.41 -11.58
C VAL A 66 6.64 -14.80 -12.91
N LEU A 67 5.31 -14.80 -12.98
CA LEU A 67 4.62 -15.25 -14.19
C LEU A 67 4.83 -14.28 -15.35
N SER A 68 4.82 -12.98 -15.08
CA SER A 68 5.07 -12.00 -16.14
C SER A 68 6.46 -12.18 -16.75
N SER A 69 7.44 -12.46 -15.90
CA SER A 69 8.80 -12.69 -16.40
C SER A 69 8.86 -13.92 -17.27
N ILE A 70 8.22 -15.02 -16.85
CA ILE A 70 8.14 -16.21 -17.68
C ILE A 70 7.45 -15.88 -19.00
N GLU A 71 6.36 -15.11 -18.92
CA GLU A 71 5.62 -14.76 -20.13
C GLU A 71 6.48 -13.94 -21.09
N GLN A 72 7.21 -12.95 -20.56
CA GLN A 72 8.06 -12.12 -21.43
C GLN A 72 9.14 -12.96 -22.09
N LYS A 73 9.77 -13.86 -21.34
CA LYS A 73 10.77 -14.74 -21.92
C LYS A 73 10.18 -15.59 -23.05
N SER A 74 8.94 -16.05 -22.87
CA SER A 74 8.31 -16.91 -23.87
C SER A 74 8.06 -16.19 -25.19
N ASN A 75 7.97 -14.87 -25.17
CA ASN A 75 7.67 -14.09 -26.36
C ASN A 75 8.91 -13.44 -26.98
N GLU A 76 10.11 -13.84 -26.54
CA GLU A 76 11.35 -13.31 -27.10
C GLU A 76 11.81 -14.17 -28.26
N GLU A 77 12.83 -13.68 -28.98
CA GLU A 77 13.29 -14.34 -30.20
C GLU A 77 13.91 -15.69 -29.89
N GLY A 78 13.45 -16.72 -30.59
CA GLY A 78 14.00 -18.06 -30.46
C GLY A 78 13.33 -18.94 -29.44
N SER A 79 12.33 -18.44 -28.73
CA SER A 79 11.62 -19.25 -27.75
C SER A 79 10.64 -20.17 -28.46
N GLU A 80 10.43 -21.35 -27.87
CA GLU A 80 9.50 -22.31 -28.43
C GLU A 80 8.09 -21.98 -27.97
N GLU A 81 7.15 -21.97 -28.92
CA GLU A 81 5.74 -21.72 -28.62
C GLU A 81 5.23 -22.71 -27.60
N LYS A 82 4.78 -22.22 -26.44
CA LYS A 82 4.27 -23.11 -25.41
C LYS A 82 2.76 -23.08 -25.26
N GLY A 83 2.07 -22.29 -26.09
CA GLY A 83 0.64 -22.21 -26.02
C GLY A 83 0.18 -21.08 -25.12
N PRO A 84 -1.12 -21.03 -24.84
CA PRO A 84 -1.69 -19.90 -24.11
C PRO A 84 -1.57 -20.00 -22.60
N GLU A 85 -0.97 -21.07 -22.09
CA GLU A 85 -1.10 -21.39 -20.67
C GLU A 85 -0.44 -20.34 -19.78
N VAL A 86 0.74 -19.86 -20.16
CA VAL A 86 1.43 -18.88 -19.32
C VAL A 86 0.61 -17.60 -19.22
N ARG A 87 0.16 -17.08 -20.37
CA ARG A 87 -0.68 -15.88 -20.36
C ARG A 87 -1.96 -16.12 -19.56
N GLU A 88 -2.59 -17.28 -19.74
CA GLU A 88 -3.83 -17.55 -19.02
C GLU A 88 -3.61 -17.50 -17.52
N TYR A 89 -2.54 -18.14 -17.06
CA TYR A 89 -2.33 -18.22 -15.61
C TYR A 89 -1.87 -16.88 -15.06
N ARG A 90 -1.04 -16.14 -15.80
CA ARG A 90 -0.73 -14.78 -15.40
C ARG A 90 -2.00 -13.93 -15.31
N GLU A 91 -2.92 -14.10 -16.27
CA GLU A 91 -4.19 -13.37 -16.23
C GLU A 91 -5.04 -13.78 -15.03
N LYS A 92 -5.03 -15.08 -14.68
CA LYS A 92 -5.79 -15.54 -13.52
C LYS A 92 -5.31 -14.86 -12.25
N VAL A 93 -4.00 -14.88 -12.02
CA VAL A 93 -3.41 -14.22 -10.86
C VAL A 93 -3.67 -12.72 -10.91
N GLU A 94 -3.54 -12.11 -12.09
CA GLU A 94 -3.77 -10.68 -12.24
C GLU A 94 -5.22 -10.32 -11.89
N THR A 95 -6.17 -11.13 -12.33
CA THR A 95 -7.58 -10.86 -12.03
C THR A 95 -7.85 -10.96 -10.54
N GLU A 96 -7.24 -11.94 -9.87
CA GLU A 96 -7.44 -12.09 -8.43
C GLU A 96 -6.83 -10.91 -7.67
N LEU A 97 -5.64 -10.47 -8.10
CA LEU A 97 -5.01 -9.28 -7.54
C LEU A 97 -5.91 -8.05 -7.71
N GLN A 98 -6.40 -7.82 -8.94
CA GLN A 98 -7.30 -6.70 -9.17
C GLN A 98 -8.53 -6.80 -8.27
N GLY A 99 -9.06 -8.01 -8.09
CA GLY A 99 -10.20 -8.19 -7.21
C GLY A 99 -9.92 -7.76 -5.79
N VAL A 100 -8.74 -8.10 -5.27
CA VAL A 100 -8.38 -7.67 -3.92
C VAL A 100 -8.24 -6.16 -3.86
N CYS A 101 -7.56 -5.56 -4.85
CA CYS A 101 -7.42 -4.10 -4.84
C CYS A 101 -8.77 -3.42 -4.90
N ASP A 102 -9.69 -3.93 -5.72
CA ASP A 102 -11.01 -3.32 -5.81
C ASP A 102 -11.76 -3.45 -4.49
N THR A 103 -11.57 -4.57 -3.80
CA THR A 103 -12.22 -4.75 -2.49
C THR A 103 -11.72 -3.71 -1.49
N VAL A 104 -10.39 -3.52 -1.43
CA VAL A 104 -9.82 -2.55 -0.49
C VAL A 104 -10.26 -1.14 -0.85
N LEU A 105 -10.18 -0.79 -2.14
CA LEU A 105 -10.64 0.53 -2.56
C LEU A 105 -12.12 0.73 -2.25
N GLY A 106 -12.91 -0.35 -2.33
CA GLY A 106 -14.32 -0.25 -1.98
C GLY A 106 -14.54 0.01 -0.51
N LEU A 107 -13.71 -0.59 0.37
CA LEU A 107 -13.84 -0.30 1.79
C LEU A 107 -13.46 1.14 2.08
N LEU A 108 -12.40 1.63 1.43
CA LEU A 108 -12.00 3.03 1.62
C LEU A 108 -13.09 3.98 1.16
N ASP A 109 -13.75 3.66 0.05
CA ASP A 109 -14.75 4.54 -0.51
C ASP A 109 -16.10 4.42 0.19
N SER A 110 -16.36 3.28 0.84
CA SER A 110 -17.65 2.99 1.47
C SER A 110 -17.40 2.35 2.85
N HIS A 111 -17.10 3.15 3.87
CA HIS A 111 -17.10 4.62 3.82
C HIS A 111 -15.98 5.17 4.71
N LEU A 112 -14.83 4.49 4.71
CA LEU A 112 -13.76 4.82 5.65
C LEU A 112 -13.26 6.26 5.46
N ILE A 113 -13.00 6.67 4.23
CA ILE A 113 -12.38 7.97 4.00
C ILE A 113 -13.33 9.10 4.39
N LYS A 114 -14.59 9.01 3.97
CA LYS A 114 -15.49 10.13 4.19
C LYS A 114 -15.75 10.36 5.68
N GLU A 115 -15.61 9.33 6.51
CA GLU A 115 -15.80 9.56 7.93
C GLU A 115 -14.51 9.85 8.69
N ALA A 116 -13.36 9.87 8.02
CA ALA A 116 -12.08 10.06 8.70
C ALA A 116 -11.77 11.56 8.77
N GLY A 117 -11.84 12.13 9.96
CA GLY A 117 -11.64 13.56 10.14
C GLY A 117 -10.28 13.91 10.72
N ASP A 118 -9.76 13.05 11.58
CA ASP A 118 -8.44 13.32 12.14
C ASP A 118 -7.36 13.07 11.11
N ALA A 119 -6.29 13.86 11.20
CA ALA A 119 -5.19 13.73 10.25
C ALA A 119 -4.64 12.31 10.22
N GLU A 120 -4.50 11.67 11.38
CA GLU A 120 -3.86 10.35 11.42
C GLU A 120 -4.68 9.30 10.69
N SER A 121 -6.01 9.41 10.73
CA SER A 121 -6.81 8.43 10.01
C SER A 121 -6.96 8.80 8.56
N ARG A 122 -7.22 10.08 8.26
CA ARG A 122 -7.45 10.47 6.88
C ARG A 122 -6.22 10.25 6.02
N VAL A 123 -5.06 10.63 6.52
CA VAL A 123 -3.84 10.42 5.75
C VAL A 123 -3.56 8.94 5.57
N PHE A 124 -3.77 8.15 6.63
CA PHE A 124 -3.58 6.70 6.53
C PHE A 124 -4.43 6.10 5.42
N TYR A 125 -5.73 6.44 5.38
CA TYR A 125 -6.62 5.86 4.37
C TYR A 125 -6.30 6.38 2.98
N LEU A 126 -5.94 7.65 2.86
CA LEU A 126 -5.61 8.16 1.53
C LEU A 126 -4.30 7.56 1.02
N LYS A 127 -3.34 7.32 1.91
CA LYS A 127 -2.15 6.58 1.52
C LYS A 127 -2.51 5.19 1.00
N MET A 128 -3.40 4.49 1.73
CA MET A 128 -3.86 3.18 1.27
C MET A 128 -4.51 3.27 -0.09
N LYS A 129 -5.33 4.30 -0.32
CA LYS A 129 -5.96 4.45 -1.62
C LYS A 129 -4.91 4.64 -2.71
N GLY A 130 -3.89 5.45 -2.44
CA GLY A 130 -2.80 5.56 -3.41
C GLY A 130 -2.10 4.23 -3.64
N ASP A 131 -1.87 3.47 -2.56
CA ASP A 131 -1.17 2.20 -2.67
C ASP A 131 -1.92 1.22 -3.57
N TYR A 132 -3.24 1.09 -3.38
CA TYR A 132 -3.96 0.04 -4.10
C TYR A 132 -4.26 0.46 -5.54
N TYR A 133 -4.37 1.76 -5.81
CA TYR A 133 -4.33 2.20 -7.21
C TYR A 133 -2.96 1.99 -7.82
N ARG A 134 -1.88 2.16 -7.04
CA ARG A 134 -0.56 1.84 -7.54
C ARG A 134 -0.45 0.35 -7.93
N TYR A 135 -1.00 -0.55 -7.11
CA TYR A 135 -0.93 -1.96 -7.47
C TYR A 135 -1.74 -2.25 -8.72
N LEU A 136 -2.90 -1.61 -8.87
CA LEU A 136 -3.64 -1.71 -10.13
C LEU A 136 -2.81 -1.16 -11.30
N ALA A 137 -2.09 -0.06 -11.08
CA ALA A 137 -1.27 0.52 -12.15
C ALA A 137 -0.15 -0.41 -12.57
N GLU A 138 0.39 -1.20 -11.63
CA GLU A 138 1.50 -2.09 -11.97
C GLU A 138 1.11 -3.12 -13.02
N VAL A 139 -0.15 -3.53 -13.07
CA VAL A 139 -0.61 -4.53 -14.02
C VAL A 139 -1.46 -3.95 -15.14
N ALA A 140 -1.65 -2.63 -15.17
CA ALA A 140 -2.58 -2.02 -16.12
C ALA A 140 -1.95 -1.88 -17.50
N THR A 141 -2.77 -2.11 -18.54
CA THR A 141 -2.32 -1.94 -19.93
C THR A 141 -3.35 -1.33 -20.87
N GLY A 142 -4.58 -1.07 -20.43
CA GLY A 142 -5.67 -0.69 -21.33
C GLY A 142 -5.97 0.81 -21.36
N ASP A 143 -7.18 1.13 -21.82
CA ASP A 143 -7.57 2.53 -22.06
C ASP A 143 -7.54 3.36 -20.77
N ASP A 144 -7.74 2.74 -19.62
CA ASP A 144 -7.85 3.46 -18.37
C ASP A 144 -6.54 3.48 -17.57
N LYS A 145 -5.44 3.00 -18.15
CA LYS A 145 -4.18 2.93 -17.42
C LYS A 145 -3.72 4.31 -16.93
N LYS A 146 -3.81 5.33 -17.78
CA LYS A 146 -3.41 6.65 -17.32
C LYS A 146 -4.32 7.16 -16.22
N ARG A 147 -5.61 6.82 -16.29
CA ARG A 147 -6.53 7.24 -15.25
C ARG A 147 -6.26 6.51 -13.95
N ILE A 148 -5.83 5.25 -14.02
CA ILE A 148 -5.46 4.52 -12.80
C ILE A 148 -4.25 5.18 -12.16
N ILE A 149 -3.22 5.49 -12.96
CA ILE A 149 -2.05 6.17 -12.44
C ILE A 149 -2.42 7.50 -11.81
N ASP A 150 -3.30 8.27 -12.46
CA ASP A 150 -3.67 9.57 -11.89
C ASP A 150 -4.51 9.42 -10.64
N SER A 151 -5.31 8.36 -10.53
CA SER A 151 -6.04 8.09 -9.29
C SER A 151 -5.08 7.83 -8.14
N ALA A 152 -4.00 7.08 -8.39
CA ALA A 152 -2.99 6.88 -7.36
C ALA A 152 -2.36 8.21 -6.99
N ARG A 153 -1.90 8.96 -7.99
CA ARG A 153 -1.27 10.25 -7.74
C ARG A 153 -2.18 11.17 -6.94
N SER A 154 -3.45 11.24 -7.33
CA SER A 154 -4.37 12.17 -6.68
C SER A 154 -4.56 11.81 -5.20
N ALA A 155 -4.69 10.52 -4.89
CA ALA A 155 -4.86 10.11 -3.50
C ALA A 155 -3.60 10.40 -2.68
N TYR A 156 -2.43 10.06 -3.22
CA TYR A 156 -1.17 10.35 -2.55
C TYR A 156 -1.01 11.85 -2.31
N GLN A 157 -1.41 12.67 -3.30
CA GLN A 157 -1.19 14.11 -3.20
C GLN A 157 -2.08 14.72 -2.13
N GLU A 158 -3.35 14.30 -2.06
CA GLU A 158 -4.20 14.79 -0.97
C GLU A 158 -3.66 14.37 0.39
N ALA A 159 -3.16 13.14 0.50
CA ALA A 159 -2.56 12.70 1.75
C ALA A 159 -1.32 13.51 2.10
N MET A 160 -0.49 13.81 1.10
CA MET A 160 0.71 14.62 1.35
C MET A 160 0.31 16.01 1.85
N ASP A 161 -0.67 16.65 1.18
CA ASP A 161 -1.03 18.01 1.56
C ASP A 161 -1.51 18.08 3.00
N ILE A 162 -2.36 17.12 3.41
CA ILE A 162 -2.81 17.06 4.80
C ILE A 162 -1.65 16.77 5.74
N SER A 163 -0.78 15.82 5.37
CA SER A 163 0.28 15.42 6.29
C SER A 163 1.26 16.57 6.52
N LYS A 164 1.53 17.37 5.49
CA LYS A 164 2.47 18.47 5.69
C LYS A 164 1.86 19.57 6.55
N LYS A 165 0.54 19.72 6.51
CA LYS A 165 -0.12 20.75 7.32
C LYS A 165 -0.34 20.32 8.76
N GLU A 166 -0.63 19.03 8.99
CA GLU A 166 -1.19 18.58 10.26
C GLU A 166 -0.31 17.63 11.05
N MET A 167 0.81 17.16 10.50
CA MET A 167 1.64 16.18 11.17
C MET A 167 3.08 16.69 11.24
N PRO A 168 3.81 16.35 12.30
CA PRO A 168 5.24 16.68 12.35
C PRO A 168 5.99 15.86 11.32
N PRO A 169 7.15 16.33 10.87
CA PRO A 169 7.88 15.63 9.82
C PRO A 169 8.38 14.26 10.21
N THR A 170 8.40 13.91 11.50
CA THR A 170 8.81 12.57 11.94
C THR A 170 7.64 11.60 12.11
N ASN A 171 6.41 12.05 11.94
CA ASN A 171 5.27 11.17 12.11
CA ASN A 171 5.27 11.17 12.11
C ASN A 171 5.43 9.93 11.21
N PRO A 172 5.37 8.71 11.76
CA PRO A 172 5.61 7.53 10.92
C PRO A 172 4.64 7.36 9.76
N ILE A 173 3.40 7.83 9.90
CA ILE A 173 2.45 7.75 8.79
C ILE A 173 2.85 8.72 7.69
N ARG A 174 3.21 9.96 8.06
CA ARG A 174 3.73 10.91 7.08
C ARG A 174 4.97 10.35 6.38
N LEU A 175 5.88 9.73 7.13
CA LEU A 175 7.08 9.16 6.55
C LEU A 175 6.76 8.01 5.61
N GLY A 176 5.87 7.11 6.03
CA GLY A 176 5.54 5.98 5.18
C GLY A 176 4.80 6.39 3.93
N LEU A 177 3.96 7.43 4.05
CA LEU A 177 3.31 7.98 2.85
C LEU A 177 4.35 8.51 1.88
N ALA A 178 5.30 9.31 2.37
CA ALA A 178 6.32 9.88 1.50
C ALA A 178 7.18 8.78 0.87
N LEU A 179 7.54 7.76 1.66
CA LEU A 179 8.26 6.61 1.11
C LEU A 179 7.52 6.02 -0.09
N ASN A 180 6.23 5.75 0.08
CA ASN A 180 5.48 5.05 -0.97
C ASN A 180 5.20 5.96 -2.16
N PHE A 181 4.88 7.23 -1.91
CA PHE A 181 4.68 8.17 -3.01
C PHE A 181 5.97 8.33 -3.80
N SER A 182 7.11 8.32 -3.11
CA SER A 182 8.39 8.35 -3.81
C SER A 182 8.55 7.12 -4.71
N VAL A 183 8.20 5.94 -4.20
CA VAL A 183 8.26 4.73 -5.03
C VAL A 183 7.29 4.85 -6.20
N PHE A 184 6.11 5.43 -5.98
CA PHE A 184 5.18 5.67 -7.08
C PHE A 184 5.84 6.51 -8.17
N HIS A 185 6.50 7.61 -7.78
CA HIS A 185 7.18 8.43 -8.78
C HIS A 185 8.22 7.62 -9.55
N TYR A 186 9.00 6.80 -8.84
CA TYR A 186 10.11 6.10 -9.47
C TYR A 186 9.62 4.99 -10.39
N GLU A 187 8.66 4.20 -9.91
CA GLU A 187 8.32 2.96 -10.58
C GLU A 187 7.09 3.06 -11.48
N ILE A 188 6.18 3.99 -11.22
CA ILE A 188 4.92 4.07 -11.93
C ILE A 188 4.88 5.28 -12.85
N ALA A 189 5.30 6.44 -12.35
CA ALA A 189 5.18 7.70 -13.08
C ALA A 189 6.40 8.05 -13.90
N ASN A 190 7.42 7.18 -13.92
CA ASN A 190 8.62 7.43 -14.70
C ASN A 190 9.25 8.76 -14.35
N SER A 191 9.26 9.09 -13.06
CA SER A 191 9.80 10.36 -12.55
C SER A 191 10.83 10.08 -11.47
N PRO A 192 11.99 9.51 -11.84
CA PRO A 192 13.00 9.21 -10.82
C PRO A 192 13.53 10.43 -10.11
N GLU A 193 13.64 11.58 -10.80
CA GLU A 193 14.14 12.76 -10.09
C GLU A 193 13.17 13.21 -9.02
N GLU A 194 11.86 13.18 -9.29
CA GLU A 194 10.89 13.51 -8.25
C GLU A 194 10.94 12.49 -7.11
N ALA A 195 11.12 11.21 -7.43
CA ALA A 195 11.22 10.17 -6.40
C ALA A 195 12.39 10.45 -5.45
N ILE A 196 13.55 10.77 -6.01
CA ILE A 196 14.74 11.01 -5.22
C ILE A 196 14.59 12.30 -4.41
N SER A 197 14.11 13.36 -5.05
CA SER A 197 13.91 14.63 -4.34
C SER A 197 12.96 14.46 -3.18
N LEU A 198 11.85 13.76 -3.39
CA LEU A 198 10.91 13.58 -2.29
C LEU A 198 11.53 12.76 -1.16
N ALA A 199 12.23 11.67 -1.50
CA ALA A 199 12.82 10.84 -0.45
C ALA A 199 13.87 11.60 0.34
N LYS A 200 14.70 12.40 -0.35
CA LYS A 200 15.75 13.14 0.34
C LYS A 200 15.18 14.24 1.22
N THR A 201 14.25 15.04 0.68
CA THR A 201 13.67 16.13 1.47
C THR A 201 12.90 15.57 2.67
N THR A 202 12.20 14.46 2.48
CA THR A 202 11.51 13.82 3.61
C THR A 202 12.49 13.37 4.67
N PHE A 203 13.59 12.72 4.25
CA PHE A 203 14.58 12.25 5.20
C PHE A 203 15.20 13.42 5.97
N ASP A 204 15.60 14.48 5.27
CA ASP A 204 16.29 15.58 5.92
C ASP A 204 15.38 16.31 6.89
N GLU A 205 14.11 16.51 6.52
CA GLU A 205 13.20 17.21 7.42
C GLU A 205 12.89 16.38 8.65
N ALA A 206 12.85 15.05 8.51
CA ALA A 206 12.65 14.21 9.68
C ALA A 206 13.88 14.22 10.58
N MET A 207 15.07 14.12 9.99
CA MET A 207 16.31 14.20 10.74
C MET A 207 16.32 15.41 11.67
N ALA A 208 15.92 16.57 11.16
CA ALA A 208 15.97 17.80 11.94
C ALA A 208 14.91 17.86 13.04
N ASP A 209 13.92 16.97 13.03
CA ASP A 209 12.86 16.94 14.04
C ASP A 209 13.06 15.82 15.06
N LEU A 210 14.07 14.96 14.88
CA LEU A 210 14.28 13.84 15.78
C LEU A 210 14.50 14.31 17.22
N HIS A 211 15.12 15.48 17.40
CA HIS A 211 15.50 15.93 18.74
C HIS A 211 14.30 16.17 19.65
N THR A 212 13.09 16.28 19.07
CA THR A 212 11.88 16.50 19.85
C THR A 212 11.27 15.23 20.42
N LEU A 213 11.78 14.07 20.02
CA LEU A 213 11.11 12.79 20.24
C LEU A 213 11.64 12.04 21.46
N SER A 214 10.76 11.26 22.08
CA SER A 214 11.15 10.26 23.05
C SER A 214 11.97 9.15 22.37
N GLU A 215 12.54 8.29 23.21
CA GLU A 215 13.30 7.16 22.68
C GLU A 215 12.44 6.23 21.84
N ASP A 216 11.20 5.99 22.27
CA ASP A 216 10.34 5.06 21.53
C ASP A 216 9.85 5.66 20.22
N SER A 217 9.51 6.95 20.23
CA SER A 217 9.15 7.63 18.98
C SER A 217 10.33 7.72 18.04
N TYR A 218 11.51 7.98 18.59
CA TYR A 218 12.73 8.00 17.80
C TYR A 218 12.95 6.68 17.07
N LYS A 219 12.72 5.56 17.75
CA LYS A 219 12.89 4.27 17.12
C LYS A 219 11.91 4.09 15.97
N ASP A 220 10.65 4.47 16.18
CA ASP A 220 9.62 4.35 15.14
C ASP A 220 9.98 5.17 13.91
N SER A 221 10.41 6.42 14.12
CA SER A 221 10.70 7.33 13.01
C SER A 221 11.96 6.91 12.27
N THR A 222 13.04 6.62 13.01
CA THR A 222 14.28 6.26 12.35
C THR A 222 14.13 4.97 11.56
N LEU A 223 13.22 4.08 11.96
CA LEU A 223 12.98 2.86 11.20
C LEU A 223 12.56 3.18 9.77
N ILE A 224 11.62 4.11 9.62
CA ILE A 224 11.14 4.41 8.29
C ILE A 224 12.11 5.34 7.57
N MET A 225 12.84 6.19 8.30
CA MET A 225 13.89 6.97 7.66
C MET A 225 14.92 6.06 7.02
N GLN A 226 15.24 4.94 7.66
CA GLN A 226 16.21 4.03 7.06
C GLN A 226 15.71 3.44 5.75
N LEU A 227 14.39 3.23 5.64
CA LEU A 227 13.83 2.76 4.38
C LEU A 227 13.95 3.82 3.29
N LEU A 228 13.75 5.10 3.65
CA LEU A 228 14.01 6.17 2.70
C LEU A 228 15.46 6.15 2.24
N ARG A 229 16.38 5.99 3.20
CA ARG A 229 17.81 5.95 2.87
C ARG A 229 18.13 4.75 1.97
N ASP A 230 17.54 3.58 2.27
CA ASP A 230 17.78 2.40 1.44
C ASP A 230 17.38 2.65 -0.01
N ASN A 231 16.23 3.30 -0.21
CA ASN A 231 15.79 3.57 -1.57
C ASN A 231 16.72 4.55 -2.25
N LEU A 232 17.12 5.62 -1.54
CA LEU A 232 18.05 6.58 -2.11
C LEU A 232 19.34 5.90 -2.54
N THR A 233 19.83 4.95 -1.73
CA THR A 233 21.06 4.24 -2.08
C THR A 233 20.85 3.36 -3.31
N LEU A 234 19.67 2.74 -3.42
CA LEU A 234 19.34 1.96 -4.60
C LEU A 234 19.27 2.82 -5.85
N TRP A 235 18.85 4.07 -5.70
CA TRP A 235 18.52 4.94 -6.83
C TRP A 235 19.65 5.89 -7.22
N THR A 236 20.72 5.97 -6.45
CA THR A 236 21.78 6.93 -6.73
C THR A 236 23.17 6.28 -6.77
N PHE B 4 13.25 -4.83 -5.64
CA PHE B 4 12.20 -3.82 -5.51
C PHE B 4 12.51 -2.83 -4.37
N PRO B 5 12.06 -1.58 -4.52
CA PRO B 5 12.27 -0.59 -3.46
C PRO B 5 11.32 -0.84 -2.29
N ALA B 6 11.67 -0.27 -1.13
CA ALA B 6 10.91 -0.49 0.08
C ALA B 6 9.64 0.38 0.11
N TPO B 7 8.53 -0.23 0.52
CA TPO B 7 7.26 0.46 0.79
CB TPO B 7 6.27 0.26 -0.37
CG2 TPO B 7 6.72 1.02 -1.61
OG1 TPO B 7 6.25 -1.15 -0.56
P TPO B 7 5.05 -1.70 -1.48
O1P TPO B 7 4.97 -3.26 -1.15
O2P TPO B 7 5.43 -1.53 -2.90
O3P TPO B 7 3.66 -0.97 -1.15
C TPO B 7 6.70 -0.11 2.09
O TPO B 7 7.05 -1.22 2.46
N VAL B 8 5.87 0.66 2.78
CA VAL B 8 5.26 0.18 4.03
C VAL B 8 3.76 0.31 3.97
MG MG C . 8.09 19.37 -3.26
MG MG D . -22.58 -6.17 18.01
MG MG E . -5.94 -8.53 -17.43
C13 G4Z F . 3.46 1.12 8.64
C10 G4Z F . 6.12 -0.84 8.99
C12 G4Z F . 4.41 1.69 9.50
C17 G4Z F . 3.68 3.88 8.76
C14 G4Z F . 2.62 1.91 7.86
C15 G4Z F . 2.74 3.29 7.92
C18 G4Z F . 4.50 3.07 9.54
C01 G4Z F . 3.62 -0.02 12.70
C03 G4Z F . 2.11 -1.56 11.70
C04 G4Z F . 1.03 -1.48 10.63
C06 G4Z F . 4.21 -1.26 10.58
C08 G4Z F . 5.51 -0.46 10.32
C09 G4Z F . 6.58 -0.76 11.36
N02 G4Z F . 3.17 -0.58 11.41
O07 G4Z F . 4.47 -2.58 11.07
O11 G4Z F . 5.27 0.96 10.32
S05 G4Z F . 0.22 0.13 10.74
CL G4Z F . 1.67 4.32 6.90
#